data_2JAO
#
_entry.id   2JAO
#
_cell.length_a   76.250
_cell.length_b   76.250
_cell.length_c   85.760
_cell.angle_alpha   90.00
_cell.angle_beta   90.00
_cell.angle_gamma   120.00
#
_symmetry.space_group_name_H-M   'P 62'
#
loop_
_entity.id
_entity.type
_entity.pdbx_description
1 polymer "5'(3')-DEOXYRIBONUCLEOTIDASE"
2 non-polymer GLYCEROL
3 non-polymer "2'-DEOXYGUANOSINE-5'-MONOPHOSPHATE"
4 non-polymer 'MAGNESIUM ION'
5 water water
#
_entity_poly.entity_id   1
_entity_poly.type   'polypeptide(L)'
_entity_poly.pdbx_seq_one_letter_code
;MAVKRPVRVLVNMDGVLADFESGLLQGFRRRFPEEPHVPLEQRRGFLANEQYGALRPDLAEKVASVYESPGFFLNLEPIP
GALDALREMNDMKDTEVFICTTPLLKYDHCVGEKYRWVEQNLGPEFVERIILTRDKTVVMGDLLIDDKDNIQGLEETPSW
EHILFTCCHNQHLALPPTRRRLLSWSDNWRGIIESKRASL
;
_entity_poly.pdbx_strand_id   A
#
# COMPACT_ATOMS: atom_id res chain seq x y z
N LYS A 4 7.73 -27.64 3.70
CA LYS A 4 9.21 -27.51 3.53
C LYS A 4 9.63 -26.14 3.04
N ARG A 5 9.23 -25.80 1.80
CA ARG A 5 9.35 -24.46 1.19
C ARG A 5 9.16 -23.32 2.19
N PRO A 6 9.99 -22.25 2.12
CA PRO A 6 9.58 -21.05 2.86
C PRO A 6 8.28 -20.42 2.29
N VAL A 7 7.56 -19.67 3.14
CA VAL A 7 6.36 -18.95 2.69
C VAL A 7 6.82 -17.56 2.25
N ARG A 8 6.43 -17.10 1.06
CA ARG A 8 6.88 -15.78 0.62
C ARG A 8 5.73 -14.75 0.71
N VAL A 9 6.01 -13.61 1.34
CA VAL A 9 4.98 -12.60 1.60
C VAL A 9 5.33 -11.32 0.86
N LEU A 10 4.43 -10.92 -0.04
CA LEU A 10 4.59 -9.63 -0.73
C LEU A 10 3.79 -8.60 0.04
N VAL A 11 4.46 -7.53 0.46
CA VAL A 11 3.85 -6.48 1.27
C VAL A 11 3.85 -5.18 0.47
N ASN A 12 2.66 -4.64 0.25
CA ASN A 12 2.50 -3.38 -0.45
C ASN A 12 3.02 -2.18 0.36
N MET A 13 3.30 -1.06 -0.29
CA MET A 13 3.83 0.14 0.35
C MET A 13 2.77 1.18 0.73
N ASP A 14 2.20 1.91 -0.25
CA ASP A 14 1.21 2.92 0.09
C ASP A 14 -0.04 2.26 0.67
N GLY A 15 -0.51 2.77 1.80
CA GLY A 15 -1.70 2.21 2.44
C GLY A 15 -1.45 1.05 3.39
N VAL A 16 -0.21 0.54 3.42
CA VAL A 16 0.13 -0.67 4.19
C VAL A 16 1.37 -0.38 5.06
N LEU A 17 2.43 0.15 4.46
CA LEU A 17 3.58 0.61 5.25
C LEU A 17 3.66 2.11 5.39
N ALA A 18 3.30 2.82 4.32
CA ALA A 18 3.45 4.27 4.27
C ALA A 18 2.04 4.87 4.22
N ASP A 19 1.80 5.92 5.03
CA ASP A 19 0.46 6.52 5.14
C ASP A 19 0.23 7.59 4.08
N PHE A 20 -0.09 7.11 2.88
CA PHE A 20 -0.35 7.97 1.72
C PHE A 20 -1.63 8.84 1.92
N GLU A 21 -2.72 8.23 2.39
CA GLU A 21 -4.00 8.95 2.57
C GLU A 21 -3.92 10.13 3.57
N SER A 22 -3.30 9.93 4.75
CA SER A 22 -3.11 11.04 5.71
CA SER A 22 -3.10 11.03 5.72
C SER A 22 -2.18 12.12 5.17
N GLY A 23 -1.09 11.71 4.51
CA GLY A 23 -0.20 12.68 3.89
C GLY A 23 -0.82 13.48 2.76
N LEU A 24 -1.67 12.85 1.96
CA LEU A 24 -2.36 13.58 0.88
C LEU A 24 -3.35 14.64 1.43
N LEU A 25 -4.15 14.25 2.41
CA LEU A 25 -5.10 15.19 3.04
C LEU A 25 -4.41 16.36 3.70
N GLN A 26 -3.35 16.10 4.46
CA GLN A 26 -2.64 17.16 5.14
C GLN A 26 -2.03 18.13 4.15
N GLY A 27 -1.53 17.59 3.03
CA GLY A 27 -0.89 18.39 1.97
C GLY A 27 -1.93 19.23 1.26
N PHE A 28 -3.10 18.65 1.03
CA PHE A 28 -4.20 19.34 0.35
C PHE A 28 -4.73 20.53 1.17
N ARG A 29 -4.98 20.31 2.45
CA ARG A 29 -5.49 21.35 3.35
C ARG A 29 -4.50 22.49 3.58
N ARG A 30 -3.21 22.18 3.56
CA ARG A 30 -2.15 23.17 3.72
C ARG A 30 -1.98 24.02 2.45
N ARG A 31 -2.10 23.40 1.29
CA ARG A 31 -1.91 24.09 0.02
C ARG A 31 -3.17 24.77 -0.55
N PHE A 32 -4.32 24.14 -0.33
CA PHE A 32 -5.61 24.69 -0.80
C PHE A 32 -6.57 24.89 0.38
N PRO A 33 -6.19 25.75 1.35
CA PRO A 33 -6.92 25.81 2.62
C PRO A 33 -8.36 26.27 2.46
N GLU A 34 -8.63 26.92 1.33
CA GLU A 34 -9.93 27.52 0.97
C GLU A 34 -10.89 26.54 0.28
N GLU A 35 -10.37 25.39 -0.13
CA GLU A 35 -11.13 24.46 -0.94
C GLU A 35 -11.85 23.39 -0.12
N PRO A 36 -12.95 22.85 -0.66
CA PRO A 36 -13.57 21.65 -0.09
C PRO A 36 -12.57 20.47 -0.08
N HIS A 37 -12.63 19.63 0.96
CA HIS A 37 -11.76 18.45 1.07
C HIS A 37 -12.58 17.21 1.39
N VAL A 38 -11.94 16.04 1.30
CA VAL A 38 -12.62 14.79 1.63
C VAL A 38 -11.99 14.25 2.92
N PRO A 39 -12.72 14.31 4.05
CA PRO A 39 -12.21 13.74 5.30
C PRO A 39 -11.93 12.22 5.12
N LEU A 40 -10.87 11.71 5.75
CA LEU A 40 -10.49 10.30 5.62
C LEU A 40 -11.67 9.34 5.82
N GLU A 41 -12.51 9.66 6.80
CA GLU A 41 -13.66 8.82 7.09
C GLU A 41 -14.64 8.70 5.93
N GLN A 42 -14.64 9.72 5.06
CA GLN A 42 -15.54 9.77 3.90
C GLN A 42 -14.93 9.29 2.59
N ARG A 43 -13.64 8.91 2.61
CA ARG A 43 -13.01 8.30 1.41
C ARG A 43 -13.72 7.02 0.94
N ARG A 44 -14.01 6.97 -0.35
CA ARG A 44 -14.63 5.80 -1.01
C ARG A 44 -13.96 5.57 -2.35
N GLY A 45 -13.58 4.32 -2.63
CA GLY A 45 -12.92 4.00 -3.90
C GLY A 45 -11.43 4.26 -3.85
N PHE A 46 -10.68 3.48 -4.62
CA PHE A 46 -9.21 3.43 -4.52
C PHE A 46 -8.53 4.76 -4.86
N LEU A 47 -8.94 5.40 -5.96
CA LEU A 47 -8.32 6.65 -6.41
C LEU A 47 -8.95 7.93 -5.80
N ALA A 48 -8.15 8.64 -5.01
CA ALA A 48 -8.61 9.88 -4.41
C ALA A 48 -8.94 10.98 -5.44
N ASN A 49 -8.21 11.03 -6.55
CA ASN A 49 -8.44 12.15 -7.47
C ASN A 49 -9.80 12.06 -8.15
N GLU A 50 -10.22 10.82 -8.43
CA GLU A 50 -11.56 10.55 -8.94
C GLU A 50 -12.65 10.99 -7.98
N GLN A 51 -12.49 10.76 -6.67
CA GLN A 51 -13.49 11.26 -5.72
C GLN A 51 -13.52 12.78 -5.63
N TYR A 52 -12.35 13.41 -5.64
CA TYR A 52 -12.29 14.87 -5.57
C TYR A 52 -12.88 15.50 -6.85
N GLY A 53 -12.70 14.79 -7.96
CA GLY A 53 -13.16 15.21 -9.27
C GLY A 53 -14.66 15.13 -9.37
N ALA A 54 -15.25 14.14 -8.70
CA ALA A 54 -16.71 14.01 -8.58
C ALA A 54 -17.31 15.09 -7.69
N LEU A 55 -16.52 15.59 -6.74
CA LEU A 55 -16.95 16.69 -5.89
C LEU A 55 -17.04 17.96 -6.76
N ARG A 56 -15.91 18.32 -7.39
CA ARG A 56 -15.86 19.41 -8.36
C ARG A 56 -14.66 19.18 -9.28
N PRO A 57 -14.90 19.16 -10.61
CA PRO A 57 -13.91 18.76 -11.64
C PRO A 57 -12.48 19.26 -11.48
N ASP A 58 -12.29 20.55 -11.17
CA ASP A 58 -10.94 21.13 -11.05
C ASP A 58 -10.13 20.59 -9.83
N LEU A 59 -10.83 20.04 -8.85
CA LEU A 59 -10.20 19.56 -7.62
C LEU A 59 -9.41 18.25 -7.88
N ALA A 60 -9.71 17.54 -8.96
CA ALA A 60 -8.95 16.34 -9.32
C ALA A 60 -7.49 16.73 -9.64
N GLU A 61 -7.33 17.79 -10.43
CA GLU A 61 -6.03 18.31 -10.83
C GLU A 61 -5.28 18.87 -9.60
N LYS A 62 -6.03 19.45 -8.67
CA LYS A 62 -5.44 20.09 -7.50
C LYS A 62 -4.89 19.05 -6.52
N VAL A 63 -5.69 18.04 -6.21
CA VAL A 63 -5.22 16.97 -5.35
C VAL A 63 -4.02 16.22 -6.01
N ALA A 64 -4.06 15.98 -7.33
CA ALA A 64 -2.91 15.37 -8.00
C ALA A 64 -1.62 16.19 -7.88
N SER A 65 -1.73 17.52 -7.87
CA SER A 65 -0.56 18.36 -7.70
C SER A 65 0.13 18.16 -6.34
N VAL A 66 -0.62 17.72 -5.33
CA VAL A 66 -0.02 17.36 -4.05
C VAL A 66 0.88 16.11 -4.17
N TYR A 67 0.36 15.01 -4.69
CA TYR A 67 1.19 13.78 -4.74
C TYR A 67 2.27 13.77 -5.84
N GLU A 68 2.21 14.76 -6.72
CA GLU A 68 3.20 14.95 -7.75
C GLU A 68 4.32 15.90 -7.32
N SER A 69 4.19 16.48 -6.14
CA SER A 69 5.25 17.40 -5.65
C SER A 69 6.50 16.70 -5.15
N PRO A 70 7.68 17.31 -5.38
CA PRO A 70 8.96 16.87 -4.75
C PRO A 70 8.79 16.75 -3.24
N GLY A 71 9.30 15.68 -2.65
CA GLY A 71 9.22 15.52 -1.17
C GLY A 71 8.00 14.81 -0.63
N PHE A 72 6.93 14.68 -1.44
CA PHE A 72 5.68 14.05 -0.97
C PHE A 72 5.84 12.57 -0.53
N PHE A 73 6.34 11.69 -1.42
CA PHE A 73 6.62 10.30 -1.06
C PHE A 73 7.74 10.19 -0.02
N LEU A 74 8.80 10.99 -0.17
CA LEU A 74 9.90 10.99 0.80
C LEU A 74 9.44 11.12 2.28
N ASN A 75 8.49 12.02 2.50
CA ASN A 75 8.11 12.41 3.84
C ASN A 75 6.89 11.74 4.44
N LEU A 76 6.29 10.77 3.74
CA LEU A 76 5.15 10.08 4.33
C LEU A 76 5.49 9.49 5.70
N GLU A 77 4.58 9.63 6.65
CA GLU A 77 4.70 8.92 7.95
C GLU A 77 4.36 7.44 7.80
N PRO A 78 4.96 6.60 8.65
CA PRO A 78 4.60 5.17 8.60
C PRO A 78 3.17 4.87 9.07
N ILE A 79 2.58 3.79 8.56
CA ILE A 79 1.29 3.27 9.06
C ILE A 79 1.54 2.72 10.49
N PRO A 80 0.62 2.99 11.44
CA PRO A 80 0.88 2.54 12.84
C PRO A 80 1.17 1.04 12.92
N GLY A 81 2.27 0.68 13.56
CA GLY A 81 2.62 -0.73 13.80
C GLY A 81 3.29 -1.46 12.63
N ALA A 82 3.43 -0.77 11.50
CA ALA A 82 3.96 -1.38 10.26
C ALA A 82 5.44 -1.76 10.38
N LEU A 83 6.25 -0.83 10.88
CA LEU A 83 7.69 -1.04 10.95
C LEU A 83 8.00 -2.17 11.91
N ASP A 84 7.38 -2.18 13.11
CA ASP A 84 7.52 -3.33 14.03
C ASP A 84 7.11 -4.63 13.37
N ALA A 85 5.92 -4.69 12.78
CA ALA A 85 5.45 -5.94 12.17
C ALA A 85 6.35 -6.46 11.03
N LEU A 86 6.86 -5.56 10.19
CA LEU A 86 7.68 -6.02 9.03
C LEU A 86 9.05 -6.54 9.51
N ARG A 87 9.64 -5.87 10.50
CA ARG A 87 10.85 -6.41 11.17
C ARG A 87 10.62 -7.80 11.80
N GLU A 88 9.52 -7.97 12.51
CA GLU A 88 9.13 -9.26 13.12
CA GLU A 88 9.23 -9.28 13.11
C GLU A 88 9.00 -10.34 12.03
N MET A 89 8.24 -9.98 10.97
CA MET A 89 7.96 -10.91 9.86
C MET A 89 9.23 -11.35 9.16
N ASN A 90 10.10 -10.39 8.87
CA ASN A 90 11.38 -10.64 8.21
C ASN A 90 12.32 -11.58 8.99
N ASP A 91 12.18 -11.60 10.32
CA ASP A 91 13.02 -12.46 11.18
C ASP A 91 12.46 -13.86 11.43
N MET A 92 11.22 -14.11 10.96
CA MET A 92 10.59 -15.39 11.13
C MET A 92 11.33 -16.41 10.28
N LYS A 93 11.46 -17.62 10.82
CA LYS A 93 12.17 -18.68 10.11
C LYS A 93 11.33 -19.20 8.92
N ASP A 94 11.99 -19.55 7.82
CA ASP A 94 11.34 -20.01 6.63
C ASP A 94 10.23 -19.06 6.15
N THR A 95 10.53 -17.77 6.19
CA THR A 95 9.60 -16.73 5.76
C THR A 95 10.44 -15.72 4.97
N GLU A 96 9.99 -15.37 3.76
CA GLU A 96 10.69 -14.44 2.82
C GLU A 96 9.78 -13.24 2.55
N VAL A 97 10.31 -12.03 2.74
CA VAL A 97 9.52 -10.79 2.59
C VAL A 97 10.09 -9.94 1.46
N PHE A 98 9.18 -9.45 0.61
CA PHE A 98 9.48 -8.45 -0.43
C PHE A 98 8.48 -7.31 -0.29
N ILE A 99 8.94 -6.10 -0.63
CA ILE A 99 8.05 -4.95 -0.64
C ILE A 99 7.67 -4.69 -2.12
N CYS A 100 6.37 -4.72 -2.41
CA CYS A 100 5.88 -4.71 -3.80
C CYS A 100 5.00 -3.49 -4.03
N THR A 101 5.48 -2.57 -4.88
CA THR A 101 4.83 -1.23 -4.98
C THR A 101 4.69 -0.78 -6.45
N THR A 102 3.59 -0.06 -6.75
CA THR A 102 3.33 0.45 -8.10
C THR A 102 3.66 1.95 -8.16
N PRO A 103 4.60 2.37 -9.02
CA PRO A 103 4.88 3.79 -9.02
C PRO A 103 3.86 4.57 -9.92
N LEU A 104 3.75 5.88 -9.73
CA LEU A 104 2.95 6.75 -10.60
C LEU A 104 3.52 6.68 -12.01
N LEU A 105 2.65 6.84 -13.02
CA LEU A 105 3.16 7.06 -14.38
C LEU A 105 3.96 8.34 -14.53
N LYS A 106 3.65 9.35 -13.71
CA LYS A 106 4.56 10.48 -13.54
C LYS A 106 5.63 10.07 -12.49
N TYR A 107 6.64 9.32 -12.95
CA TYR A 107 7.64 8.64 -12.08
C TYR A 107 8.66 9.61 -11.44
N ASP A 108 8.72 10.83 -11.97
CA ASP A 108 9.84 11.73 -11.69
CA ASP A 108 9.81 11.74 -11.71
C ASP A 108 10.16 11.93 -10.21
N HIS A 109 9.14 12.17 -9.39
CA HIS A 109 9.41 12.40 -7.93
C HIS A 109 8.87 11.29 -7.04
N CYS A 110 8.55 10.17 -7.69
CA CYS A 110 8.01 8.97 -7.07
C CYS A 110 9.07 7.83 -6.87
N VAL A 111 9.74 7.42 -7.95
CA VAL A 111 10.56 6.18 -7.95
CA VAL A 111 10.52 6.17 -7.91
C VAL A 111 11.74 6.28 -6.97
N GLY A 112 12.50 7.36 -7.12
CA GLY A 112 13.65 7.62 -6.26
C GLY A 112 13.28 7.85 -4.79
N GLU A 113 12.25 8.65 -4.54
CA GLU A 113 11.75 8.88 -3.19
C GLU A 113 11.27 7.63 -2.46
N LYS A 114 10.69 6.69 -3.19
CA LYS A 114 10.28 5.41 -2.62
C LYS A 114 11.45 4.56 -2.11
N TYR A 115 12.55 4.53 -2.87
CA TYR A 115 13.76 3.80 -2.43
C TYR A 115 14.31 4.43 -1.16
N ARG A 116 14.40 5.76 -1.16
CA ARG A 116 14.94 6.50 -0.01
C ARG A 116 14.01 6.35 1.22
N TRP A 117 12.68 6.33 1.02
CA TRP A 117 11.72 6.07 2.10
C TRP A 117 12.01 4.77 2.84
N VAL A 118 12.23 3.70 2.07
CA VAL A 118 12.51 2.36 2.62
C VAL A 118 13.87 2.35 3.35
N GLU A 119 14.89 2.98 2.76
CA GLU A 119 16.19 3.11 3.42
C GLU A 119 16.04 3.79 4.77
N GLN A 120 15.29 4.90 4.81
CA GLN A 120 15.22 5.74 6.00
C GLN A 120 14.28 5.22 7.08
N ASN A 121 13.15 4.61 6.69
CA ASN A 121 12.15 4.11 7.68
C ASN A 121 12.34 2.67 8.08
N LEU A 122 13.03 1.90 7.22
CA LEU A 122 13.23 0.47 7.49
C LEU A 122 14.73 0.10 7.58
N GLY A 123 15.50 0.40 6.54
CA GLY A 123 16.96 0.18 6.58
C GLY A 123 17.53 -0.35 5.27
N PRO A 124 18.86 -0.19 5.06
CA PRO A 124 19.44 -0.66 3.80
C PRO A 124 19.08 -2.09 3.44
N GLU A 125 18.95 -2.97 4.45
CA GLU A 125 18.60 -4.38 4.19
C GLU A 125 17.27 -4.53 3.48
N PHE A 126 16.29 -3.67 3.81
CA PHE A 126 14.97 -3.71 3.14
C PHE A 126 14.96 -3.16 1.73
N VAL A 127 15.89 -2.27 1.45
CA VAL A 127 16.05 -1.72 0.07
C VAL A 127 16.27 -2.85 -0.94
N GLU A 128 17.04 -3.89 -0.54
CA GLU A 128 17.33 -5.04 -1.42
C GLU A 128 16.09 -5.84 -1.82
N ARG A 129 14.99 -5.66 -1.07
CA ARG A 129 13.76 -6.46 -1.21
C ARG A 129 12.60 -5.67 -1.91
N ILE A 130 12.90 -4.49 -2.43
CA ILE A 130 11.87 -3.72 -3.21
C ILE A 130 11.69 -4.34 -4.60
N ILE A 131 10.42 -4.50 -5.01
CA ILE A 131 10.02 -4.79 -6.40
C ILE A 131 9.08 -3.66 -6.86
N LEU A 132 9.45 -2.91 -7.93
CA LEU A 132 8.55 -1.93 -8.54
CA LEU A 132 8.55 -1.93 -8.54
C LEU A 132 7.90 -2.55 -9.76
N THR A 133 6.57 -2.47 -9.85
CA THR A 133 5.85 -3.06 -10.98
C THR A 133 4.47 -2.40 -11.12
N ARG A 134 3.96 -2.34 -12.36
CA ARG A 134 2.55 -1.97 -12.61
C ARG A 134 1.65 -3.18 -12.77
N ASP A 135 2.21 -4.38 -12.65
CA ASP A 135 1.45 -5.62 -12.73
C ASP A 135 1.97 -6.56 -11.63
N LYS A 136 1.19 -6.67 -10.53
CA LYS A 136 1.55 -7.52 -9.39
C LYS A 136 1.26 -8.99 -9.66
N THR A 137 0.39 -9.28 -10.65
CA THR A 137 0.06 -10.69 -10.96
C THR A 137 1.24 -11.52 -11.53
N VAL A 138 2.27 -10.83 -12.01
CA VAL A 138 3.44 -11.55 -12.58
C VAL A 138 4.57 -11.76 -11.55
N VAL A 139 4.31 -11.34 -10.30
CA VAL A 139 5.23 -11.58 -9.19
C VAL A 139 4.76 -12.80 -8.36
N MET A 140 5.68 -13.70 -8.08
CA MET A 140 5.38 -14.97 -7.47
C MET A 140 5.54 -14.90 -5.96
N GLY A 141 4.46 -15.13 -5.24
CA GLY A 141 4.48 -15.18 -3.76
C GLY A 141 3.29 -16.01 -3.29
N ASP A 142 3.21 -16.25 -1.97
CA ASP A 142 2.14 -17.06 -1.37
C ASP A 142 1.01 -16.11 -0.89
N LEU A 143 1.39 -14.93 -0.42
CA LEU A 143 0.44 -13.88 0.03
C LEU A 143 0.81 -12.52 -0.51
N LEU A 144 -0.21 -11.71 -0.84
CA LEU A 144 -0.03 -10.30 -1.13
C LEU A 144 -0.92 -9.49 -0.18
N ILE A 145 -0.30 -8.73 0.70
CA ILE A 145 -0.97 -7.84 1.65
C ILE A 145 -1.03 -6.43 1.06
N ASP A 146 -2.24 -6.02 0.66
CA ASP A 146 -2.42 -4.86 -0.20
C ASP A 146 -3.78 -4.21 0.02
N ASP A 147 -3.83 -2.88 0.11
CA ASP A 147 -5.11 -2.15 0.34
C ASP A 147 -6.00 -1.96 -0.90
N LYS A 148 -5.48 -2.26 -2.12
CA LYS A 148 -6.28 -2.09 -3.37
C LYS A 148 -7.37 -3.14 -3.38
N ASP A 149 -8.60 -2.73 -3.67
CA ASP A 149 -9.80 -3.56 -3.63
CA ASP A 149 -9.67 -3.68 -3.49
C ASP A 149 -9.75 -4.79 -4.53
N ASN A 150 -9.38 -4.55 -5.78
CA ASN A 150 -9.31 -5.63 -6.73
CA ASN A 150 -9.39 -5.58 -6.83
C ASN A 150 -8.06 -5.49 -7.62
N ILE A 151 -7.23 -6.51 -7.57
CA ILE A 151 -5.93 -6.42 -8.23
C ILE A 151 -5.97 -7.30 -9.46
N GLN A 152 -5.72 -6.70 -10.63
CA GLN A 152 -5.72 -7.42 -11.91
C GLN A 152 -4.42 -7.20 -12.71
N GLY A 153 -4.23 -8.01 -13.74
CA GLY A 153 -3.08 -7.88 -14.64
C GLY A 153 -3.07 -9.07 -15.55
N LEU A 154 -1.90 -9.38 -16.12
CA LEU A 154 -1.85 -10.32 -17.25
C LEU A 154 -1.97 -11.77 -16.86
N GLU A 155 -1.67 -12.09 -15.60
CA GLU A 155 -1.80 -13.44 -15.12
C GLU A 155 -3.21 -13.70 -14.52
N GLU A 156 -4.02 -14.53 -15.21
CA GLU A 156 -5.42 -14.77 -14.81
C GLU A 156 -5.57 -15.39 -13.42
N THR A 157 -4.66 -16.27 -13.07
CA THR A 157 -4.68 -16.91 -11.75
C THR A 157 -3.30 -16.69 -11.10
N PRO A 158 -3.17 -15.58 -10.32
CA PRO A 158 -1.89 -15.28 -9.65
C PRO A 158 -1.45 -16.42 -8.71
N SER A 159 -0.16 -16.55 -8.40
CA SER A 159 0.28 -17.55 -7.42
C SER A 159 -0.08 -17.19 -5.97
N TRP A 160 -0.28 -15.90 -5.69
CA TRP A 160 -0.56 -15.43 -4.30
C TRP A 160 -2.06 -15.41 -3.98
N GLU A 161 -2.38 -15.48 -2.68
CA GLU A 161 -3.71 -15.09 -2.17
C GLU A 161 -3.64 -13.61 -1.73
N HIS A 162 -4.57 -12.78 -2.23
CA HIS A 162 -4.66 -11.38 -1.84
C HIS A 162 -5.34 -11.29 -0.47
N ILE A 163 -4.62 -10.71 0.49
CA ILE A 163 -5.17 -10.32 1.81
C ILE A 163 -5.46 -8.84 1.80
N LEU A 164 -6.73 -8.44 1.90
CA LEU A 164 -7.08 -6.99 1.83
C LEU A 164 -6.72 -6.29 3.16
N PHE A 165 -5.72 -5.40 3.09
CA PHE A 165 -5.35 -4.54 4.21
C PHE A 165 -6.31 -3.34 4.33
N THR A 166 -6.94 -3.23 5.50
CA THR A 166 -8.00 -2.22 5.72
C THR A 166 -7.42 -0.81 5.69
N CYS A 167 -8.10 0.07 4.95
CA CYS A 167 -7.70 1.46 4.79
C CYS A 167 -9.02 2.27 4.70
N CYS A 168 -8.92 3.55 5.01
CA CYS A 168 -10.10 4.44 4.92
C CYS A 168 -10.94 4.17 3.68
N HIS A 169 -10.31 4.16 2.49
CA HIS A 169 -11.03 4.04 1.20
C HIS A 169 -11.69 2.68 0.89
N ASN A 170 -11.33 1.62 1.63
CA ASN A 170 -11.93 0.28 1.44
C ASN A 170 -12.72 -0.25 2.66
N GLN A 171 -12.80 0.54 3.72
CA GLN A 171 -13.37 0.11 5.00
C GLN A 171 -14.84 -0.30 4.88
N HIS A 172 -15.60 0.45 4.08
CA HIS A 172 -17.03 0.19 3.90
C HIS A 172 -17.31 -0.81 2.78
N LEU A 173 -16.27 -1.32 2.14
CA LEU A 173 -16.43 -2.20 0.98
C LEU A 173 -16.88 -3.59 1.41
N ALA A 174 -17.93 -4.09 0.77
CA ALA A 174 -18.44 -5.43 1.06
C ALA A 174 -17.78 -6.46 0.16
N LEU A 175 -17.26 -7.51 0.80
CA LEU A 175 -16.43 -8.52 0.16
C LEU A 175 -17.12 -9.86 0.37
N PRO A 176 -17.02 -10.76 -0.61
CA PRO A 176 -17.51 -12.11 -0.43
C PRO A 176 -16.69 -12.84 0.65
N PRO A 177 -17.32 -13.79 1.38
CA PRO A 177 -16.70 -14.54 2.49
C PRO A 177 -15.37 -15.21 2.14
N THR A 178 -15.17 -15.53 0.87
CA THR A 178 -13.91 -16.10 0.39
C THR A 178 -12.69 -15.15 0.46
N ARG A 179 -12.92 -13.83 0.57
CA ARG A 179 -11.83 -12.86 0.62
C ARG A 179 -11.43 -12.55 2.06
N ARG A 180 -10.17 -12.76 2.40
CA ARG A 180 -9.69 -12.42 3.75
C ARG A 180 -9.13 -11.00 3.82
N ARG A 181 -9.39 -10.36 4.97
CA ARG A 181 -8.97 -9.01 5.34
C ARG A 181 -7.99 -9.02 6.52
N LEU A 182 -7.06 -8.09 6.54
CA LEU A 182 -6.29 -7.77 7.76
C LEU A 182 -6.79 -6.41 8.26
N LEU A 183 -7.36 -6.37 9.47
CA LEU A 183 -7.98 -5.13 9.98
C LEU A 183 -6.96 -4.02 10.29
N SER A 184 -5.75 -4.43 10.69
CA SER A 184 -4.61 -3.56 10.94
C SER A 184 -3.40 -4.47 11.26
N TRP A 185 -2.25 -3.90 11.53
CA TRP A 185 -1.08 -4.71 11.96
C TRP A 185 -1.23 -5.35 13.37
N SER A 186 -2.28 -5.00 14.11
CA SER A 186 -2.62 -5.64 15.41
C SER A 186 -3.49 -6.88 15.22
N ASP A 187 -4.00 -7.06 14.00
CA ASP A 187 -4.78 -8.25 13.63
C ASP A 187 -3.76 -9.41 13.42
N ASN A 188 -4.21 -10.67 13.41
CA ASN A 188 -3.27 -11.78 13.51
C ASN A 188 -2.65 -12.24 12.15
N TRP A 189 -1.79 -11.40 11.59
CA TRP A 189 -1.08 -11.72 10.32
C TRP A 189 -0.22 -12.98 10.48
N ARG A 190 0.28 -13.26 11.70
CA ARG A 190 1.06 -14.48 11.95
CA ARG A 190 1.07 -14.48 11.93
C ARG A 190 0.28 -15.76 11.65
N GLY A 191 -0.96 -15.82 12.12
CA GLY A 191 -1.84 -16.97 11.81
C GLY A 191 -2.13 -17.12 10.33
N ILE A 192 -2.31 -16.00 9.63
CA ILE A 192 -2.52 -16.09 8.16
C ILE A 192 -1.32 -16.76 7.44
N ILE A 193 -0.11 -16.40 7.83
CA ILE A 193 1.12 -17.03 7.26
C ILE A 193 1.15 -18.53 7.54
N GLU A 194 0.87 -18.91 8.78
CA GLU A 194 0.75 -20.31 9.13
C GLU A 194 -0.31 -21.05 8.32
N SER A 195 -1.44 -20.41 8.01
CA SER A 195 -2.46 -21.09 7.16
C SER A 195 -1.89 -21.52 5.77
N LYS A 196 -0.98 -20.71 5.22
CA LYS A 196 -0.36 -20.96 3.89
C LYS A 196 0.72 -22.03 3.95
N ARG A 197 1.51 -22.02 5.02
CA ARG A 197 2.54 -23.01 5.25
C ARG A 197 1.89 -24.41 5.30
N ALA A 198 0.68 -24.45 5.85
CA ALA A 198 -0.01 -25.70 6.12
C ALA A 198 -0.47 -26.38 4.84
N SER A 199 -0.58 -25.62 3.75
CA SER A 199 -1.03 -26.15 2.45
C SER A 199 0.12 -26.35 1.46
#